data_1IQE
#
_entry.id   1IQE
#
_cell.length_a   72.49
_cell.length_b   78.65
_cell.length_c   55.75
_cell.angle_alpha   90
_cell.angle_beta   90
_cell.angle_gamma   90
#
_symmetry.space_group_name_H-M   'P 21 21 21'
#
loop_
_entity.id
_entity.type
_entity.pdbx_description
1 polymer 'coagulation Factor Xa'
2 polymer 'coagulation Factor Xa'
3 non-polymer 'CALCIUM ION'
4 non-polymer 4-[(2R)-3-[[(6-CHLORO-2-NAPHTHALENYL)SULFONYL]AMINO]-1-OXO-2-[[[1-(4-PYRIDINYL)-4-PIPERIDINYL]METHYL]AMINO]PROPYL]-THIOMORPHOLINE-1,1-DIOXIDE
#
loop_
_entity_poly.entity_id
_entity_poly.type
_entity_poly.pdbx_seq_one_letter_code
_entity_poly.pdbx_strand_id
1 'polypeptide(L)'
;IVGGQECKDGECPWQALLINEENEGFCGGTILSEFYILTAAHCLYQAKRFKVRVGDRNTEQEEGGEAVHEVEVVIKHNRF
TKETYDFDIAVLRLKTPITFRMNVAPACLPERDWAESTLMTQKTGIVSGFGRTHEKGRQSTRLKMLEVPYVDRNSCKLSS
SFIITQNMFCAGYDTKQEDACQGDSGGPHVTRFKDTYFVTGIVSWGEGCARKGKYGIYTKVTAFLKWIDRSMKTR
;
A
2 'polypeptide(L)'
;YKDGDQCETSPCQNQGKCKDGLGEYTCTCLEGFEGKNCELFTRKLCSLDNGDCDQFCHEEQNSVVCSCARGYTLADNGKA
CIPTGPYPCGKQTLER
;
L
#
loop_
_chem_comp.id
_chem_comp.type
_chem_comp.name
_chem_comp.formula
CA non-polymer 'CALCIUM ION' 'Ca 2'
XMB non-polymer 4-[(2R)-3-[[(6-CHLORO-2-NAPHTHALENYL)SULFONYL]AMINO]-1-OXO-2-[[[1-(4-PYRIDINYL)-4-PIPERIDINYL]METHYL]AMINO]PROPYL]-THIOMORPHOLINE-1,1-DIOXIDE 'C28 H34 Cl N5 O5 S2'
#
# COMPACT_ATOMS: atom_id res chain seq x y z
N ILE A 1 -6.63 -10.32 -6.31
CA ILE A 1 -7.33 -9.29 -7.12
C ILE A 1 -8.41 -9.94 -8.00
N VAL A 2 -9.66 -9.57 -7.76
CA VAL A 2 -10.80 -10.07 -8.52
C VAL A 2 -11.02 -9.10 -9.69
N GLY A 3 -11.13 -9.64 -10.90
CA GLY A 3 -11.32 -8.79 -12.07
C GLY A 3 -10.08 -7.95 -12.31
N GLY A 4 -10.21 -6.65 -12.05
CA GLY A 4 -9.10 -5.72 -12.19
C GLY A 4 -8.17 -5.87 -13.39
N GLN A 5 -6.96 -5.34 -13.26
CA GLN A 5 -5.99 -5.38 -14.34
C GLN A 5 -4.62 -5.93 -13.97
N GLU A 6 -3.91 -6.39 -15.00
CA GLU A 6 -2.57 -6.95 -14.85
C GLU A 6 -1.49 -5.88 -14.80
N CYS A 7 -0.65 -5.94 -13.77
CA CYS A 7 0.44 -4.99 -13.64
C CYS A 7 1.38 -5.28 -14.78
N LYS A 8 1.56 -4.32 -15.69
CA LYS A 8 2.47 -4.49 -16.79
C LYS A 8 3.88 -4.19 -16.30
N ASP A 9 4.85 -4.16 -17.20
CA ASP A 9 6.24 -3.92 -16.81
C ASP A 9 6.51 -2.54 -16.19
N GLY A 10 6.89 -2.53 -14.91
CA GLY A 10 7.19 -1.30 -14.20
C GLY A 10 6.08 -0.57 -13.45
N GLU A 11 4.83 -0.95 -13.69
CA GLU A 11 3.69 -0.29 -13.06
C GLU A 11 3.55 -0.48 -11.54
N CYS A 12 3.79 -1.67 -11.01
CA CYS A 12 3.60 -1.89 -9.58
C CYS A 12 4.83 -2.15 -8.72
N PRO A 13 5.95 -1.46 -9.01
CA PRO A 13 7.23 -1.61 -8.29
C PRO A 13 7.21 -1.79 -6.79
N TRP A 14 6.32 -1.09 -6.09
CA TRP A 14 6.27 -1.18 -4.64
C TRP A 14 5.80 -2.54 -4.13
N GLN A 15 5.16 -3.30 -5.02
CA GLN A 15 4.66 -4.62 -4.65
C GLN A 15 5.64 -5.49 -3.88
N ALA A 16 5.11 -6.31 -2.99
CA ALA A 16 5.96 -7.19 -2.20
C ALA A 16 5.16 -8.45 -1.83
N LEU A 17 5.79 -9.61 -1.97
CA LEU A 17 5.14 -10.87 -1.65
C LEU A 17 5.83 -11.65 -0.54
N LEU A 18 5.05 -12.06 0.47
CA LEU A 18 5.61 -12.84 1.57
C LEU A 18 5.41 -14.29 1.14
N ILE A 19 6.48 -15.08 1.27
CA ILE A 19 6.45 -16.50 0.89
C ILE A 19 6.78 -17.39 2.09
N ASN A 20 6.11 -18.55 2.15
CA ASN A 20 6.30 -19.50 3.24
C ASN A 20 7.35 -20.55 2.89
N GLU A 21 7.74 -21.31 3.90
CA GLU A 21 8.73 -22.38 3.76
C GLU A 21 8.66 -23.06 2.41
N GLU A 22 7.46 -23.36 1.95
CA GLU A 22 7.27 -24.02 0.66
C GLU A 22 7.39 -23.04 -0.50
N ASN A 23 7.91 -21.84 -0.23
CA ASN A 23 8.07 -20.80 -1.24
C ASN A 23 6.75 -20.50 -1.93
N GLU A 24 5.68 -20.42 -1.12
CA GLU A 24 4.34 -20.13 -1.60
C GLU A 24 3.91 -18.72 -1.22
N GLY A 25 3.32 -18.01 -2.17
CA GLY A 25 2.87 -16.66 -1.92
C GLY A 25 1.55 -16.63 -1.20
N PHE A 26 1.57 -16.20 0.06
CA PHE A 26 0.35 -16.13 0.87
C PHE A 26 -0.13 -14.73 1.21
N CYS A 27 0.79 -13.78 1.33
CA CYS A 27 0.42 -12.40 1.65
C CYS A 27 1.17 -11.36 0.83
N GLY A 28 0.60 -10.16 0.80
CA GLY A 28 1.23 -9.06 0.09
C GLY A 28 2.05 -8.21 1.05
N GLY A 29 2.55 -7.09 0.55
CA GLY A 29 3.33 -6.22 1.39
C GLY A 29 3.67 -5.00 0.57
N THR A 30 4.15 -3.95 1.22
CA THR A 30 4.51 -2.71 0.50
C THR A 30 5.92 -2.31 0.85
N ILE A 31 6.68 -1.95 -0.17
CA ILE A 31 8.07 -1.52 0.01
C ILE A 31 8.10 -0.06 0.46
N LEU A 32 8.70 0.20 1.62
CA LEU A 32 8.79 1.57 2.10
C LEU A 32 10.18 2.12 1.80
N SER A 33 11.21 1.35 2.12
CA SER A 33 12.59 1.76 1.88
C SER A 33 13.45 0.56 1.46
N GLU A 34 14.70 0.53 1.91
CA GLU A 34 15.60 -0.56 1.57
C GLU A 34 15.41 -1.79 2.44
N PHE A 35 15.28 -1.59 3.75
CA PHE A 35 15.10 -2.74 4.63
C PHE A 35 13.77 -2.68 5.34
N TYR A 36 12.76 -2.07 4.74
CA TYR A 36 11.47 -1.98 5.43
C TYR A 36 10.29 -2.33 4.57
N ILE A 37 9.56 -3.35 4.99
CA ILE A 37 8.37 -3.77 4.26
C ILE A 37 7.14 -3.54 5.12
N LEU A 38 6.10 -2.96 4.51
CA LEU A 38 4.83 -2.71 5.19
C LEU A 38 3.90 -3.87 4.84
N THR A 39 3.25 -4.45 5.85
CA THR A 39 2.33 -5.56 5.61
C THR A 39 1.23 -5.52 6.66
N ALA A 40 0.22 -6.38 6.50
CA ALA A 40 -0.86 -6.44 7.46
C ALA A 40 -0.32 -7.03 8.77
N ALA A 41 -1.04 -6.85 9.86
CA ALA A 41 -0.61 -7.34 11.16
C ALA A 41 -1.01 -8.79 11.33
N HIS A 42 -2.10 -9.16 10.66
CA HIS A 42 -2.61 -10.51 10.72
C HIS A 42 -1.79 -11.48 9.85
N CYS A 43 -1.14 -10.95 8.81
CA CYS A 43 -0.33 -11.77 7.93
C CYS A 43 0.85 -12.39 8.69
N LEU A 44 1.04 -11.95 9.93
CA LEU A 44 2.12 -12.48 10.74
C LEU A 44 1.62 -13.67 11.54
N TYR A 45 0.50 -14.22 11.10
CA TYR A 45 -0.11 -15.36 11.76
C TYR A 45 -0.24 -16.48 10.74
N GLN A 46 -0.43 -16.07 9.48
CA GLN A 46 -0.60 -16.98 8.36
C GLN A 46 0.60 -17.87 8.04
N ALA A 47 1.62 -17.86 8.88
CA ALA A 47 2.78 -18.70 8.64
C ALA A 47 3.71 -18.78 9.84
N LYS A 48 4.64 -19.73 9.78
CA LYS A 48 5.60 -19.95 10.85
C LYS A 48 6.91 -19.23 10.56
N ARG A 49 7.36 -19.34 9.31
CA ARG A 49 8.61 -18.73 8.85
C ARG A 49 8.40 -18.25 7.42
N PHE A 50 8.75 -17.00 7.15
CA PHE A 50 8.57 -16.45 5.80
C PHE A 50 9.65 -15.46 5.34
N LYS A 51 9.78 -15.35 4.02
CA LYS A 51 10.72 -14.44 3.41
C LYS A 51 9.83 -13.47 2.65
N VAL A 52 10.43 -12.44 2.05
CA VAL A 52 9.67 -11.50 1.27
C VAL A 52 10.37 -11.40 -0.08
N ARG A 53 9.60 -11.52 -1.15
CA ARG A 53 10.16 -11.47 -2.48
C ARG A 53 9.94 -10.09 -3.07
N VAL A 54 10.74 -9.74 -4.07
CA VAL A 54 10.63 -8.45 -4.73
C VAL A 54 10.85 -8.55 -6.24
N GLY A 55 10.21 -7.64 -6.97
CA GLY A 55 10.34 -7.62 -8.41
C GLY A 55 9.86 -8.87 -9.11
N ASP A 56 8.74 -9.43 -8.66
CA ASP A 56 8.21 -10.62 -9.27
C ASP A 56 6.79 -10.37 -9.78
N ARG A 57 6.54 -10.66 -11.04
CA ARG A 57 5.20 -10.45 -11.62
C ARG A 57 4.58 -11.77 -12.07
N ASN A 58 5.33 -12.86 -11.91
CA ASN A 58 4.87 -14.19 -12.31
C ASN A 58 5.41 -15.22 -11.31
N THR A 59 4.49 -15.88 -10.61
CA THR A 59 4.84 -16.86 -9.59
C THR A 59 5.37 -18.20 -10.11
N GLU A 60 5.65 -18.30 -11.40
CA GLU A 60 6.17 -19.55 -11.96
C GLU A 60 7.37 -19.29 -12.84
N GLN A 61 7.21 -18.37 -13.78
CA GLN A 61 8.26 -18.00 -14.71
C GLN A 61 9.31 -17.08 -14.05
N GLU A 62 10.56 -17.52 -14.07
CA GLU A 62 11.69 -16.78 -13.48
C GLU A 62 12.16 -15.70 -14.46
N GLU A 63 11.44 -14.57 -14.44
CA GLU A 63 11.71 -13.44 -15.31
C GLU A 63 13.02 -12.70 -14.98
N GLY A 64 14.02 -13.44 -14.51
CA GLY A 64 15.31 -12.86 -14.19
C GLY A 64 15.37 -11.83 -13.06
N GLY A 65 14.54 -10.80 -13.14
CA GLY A 65 14.54 -9.74 -12.13
C GLY A 65 13.90 -9.96 -10.77
N GLU A 66 13.78 -11.22 -10.35
CA GLU A 66 13.19 -11.51 -9.05
C GLU A 66 14.30 -11.43 -8.00
N ALA A 67 13.94 -11.54 -6.71
CA ALA A 67 14.92 -11.49 -5.63
C ALA A 67 14.27 -11.72 -4.26
N VAL A 68 14.89 -12.57 -3.45
CA VAL A 68 14.36 -12.88 -2.13
C VAL A 68 15.14 -12.29 -0.96
N HIS A 69 14.41 -11.82 0.05
CA HIS A 69 15.01 -11.23 1.24
C HIS A 69 14.47 -11.87 2.51
N GLU A 70 15.37 -12.06 3.46
CA GLU A 70 14.99 -12.66 4.72
C GLU A 70 14.54 -11.59 5.71
N VAL A 71 13.76 -11.99 6.70
CA VAL A 71 13.27 -11.05 7.70
C VAL A 71 14.21 -11.05 8.89
N GLU A 72 14.68 -9.86 9.26
CA GLU A 72 15.61 -9.72 10.37
C GLU A 72 14.90 -9.44 11.69
N VAL A 73 13.74 -8.81 11.60
CA VAL A 73 12.95 -8.49 12.79
C VAL A 73 11.52 -8.19 12.37
N VAL A 74 10.57 -8.48 13.25
CA VAL A 74 9.17 -8.24 12.96
C VAL A 74 8.51 -7.32 13.98
N ILE A 75 7.94 -6.22 13.49
CA ILE A 75 7.26 -5.23 14.31
C ILE A 75 5.74 -5.31 14.09
N LYS A 76 5.05 -6.09 14.92
CA LYS A 76 3.60 -6.23 14.81
C LYS A 76 2.93 -5.27 15.78
N HIS A 77 1.84 -4.63 15.35
CA HIS A 77 1.14 -3.67 16.21
C HIS A 77 0.46 -4.31 17.43
N ASN A 78 0.93 -3.89 18.59
CA ASN A 78 0.46 -4.38 19.88
C ASN A 78 -1.06 -4.32 20.09
N ARG A 79 -1.68 -3.19 19.75
CA ARG A 79 -3.13 -3.07 19.94
C ARG A 79 -3.92 -3.94 18.97
N PHE A 80 -3.28 -4.98 18.44
CA PHE A 80 -3.95 -5.87 17.49
C PHE A 80 -4.58 -7.09 18.17
N THR A 81 -5.60 -7.60 17.50
CA THR A 81 -6.35 -8.79 17.90
C THR A 81 -7.30 -9.11 16.76
N LYS A 82 -7.50 -10.39 16.52
CA LYS A 82 -8.38 -10.86 15.46
C LYS A 82 -9.83 -10.74 15.91
N GLU A 83 -10.03 -10.55 17.22
CA GLU A 83 -11.35 -10.39 17.79
C GLU A 83 -12.00 -9.20 17.10
N THR A 84 -11.23 -8.13 16.92
CA THR A 84 -11.71 -6.91 16.31
C THR A 84 -11.05 -6.54 14.99
N TYR A 85 -9.81 -6.98 14.80
CA TYR A 85 -9.06 -6.67 13.59
C TYR A 85 -8.64 -5.20 13.57
N ASP A 86 -8.64 -4.58 14.74
CA ASP A 86 -8.25 -3.18 14.86
C ASP A 86 -6.73 -3.19 14.96
N PHE A 87 -6.08 -2.26 14.24
CA PHE A 87 -4.64 -2.14 14.22
C PHE A 87 -3.97 -3.25 13.41
N ASP A 88 -4.55 -3.51 12.24
CA ASP A 88 -4.01 -4.52 11.35
C ASP A 88 -2.89 -3.87 10.56
N ILE A 89 -1.71 -3.81 11.17
CA ILE A 89 -0.53 -3.19 10.56
C ILE A 89 0.81 -3.71 11.12
N ALA A 90 1.75 -4.02 10.25
CA ALA A 90 3.06 -4.51 10.69
C ALA A 90 4.22 -4.04 9.80
N VAL A 91 5.32 -3.67 10.44
CA VAL A 91 6.50 -3.22 9.71
C VAL A 91 7.60 -4.26 9.78
N LEU A 92 8.13 -4.62 8.62
CA LEU A 92 9.18 -5.62 8.58
C LEU A 92 10.53 -5.01 8.21
N ARG A 93 11.56 -5.41 8.94
CA ARG A 93 12.92 -4.95 8.66
C ARG A 93 13.73 -6.13 8.09
N LEU A 94 14.18 -5.95 6.84
CA LEU A 94 14.94 -6.97 6.14
C LEU A 94 16.40 -7.15 6.57
N LYS A 95 16.87 -8.41 6.58
CA LYS A 95 18.26 -8.74 6.94
C LYS A 95 19.24 -8.10 5.95
N THR A 96 18.87 -8.04 4.68
CA THR A 96 19.70 -7.44 3.65
C THR A 96 18.89 -6.43 2.86
N PRO A 97 19.50 -5.29 2.51
CA PRO A 97 18.96 -4.17 1.74
C PRO A 97 18.39 -4.48 0.36
N ILE A 98 17.14 -4.07 0.13
CA ILE A 98 16.51 -4.28 -1.18
C ILE A 98 17.27 -3.42 -2.20
N THR A 99 17.81 -4.00 -3.28
CA THR A 99 18.46 -3.14 -4.25
C THR A 99 17.39 -2.81 -5.29
N PHE A 100 17.14 -1.53 -5.51
CA PHE A 100 16.13 -1.12 -6.46
C PHE A 100 16.54 -1.32 -7.92
N ARG A 101 15.56 -1.62 -8.77
CA ARG A 101 15.80 -1.83 -10.19
C ARG A 101 14.44 -1.77 -10.91
N MET A 102 14.35 -2.31 -12.11
CA MET A 102 13.08 -2.31 -12.81
C MET A 102 12.16 -3.27 -12.09
N ASN A 103 10.91 -2.86 -11.92
CA ASN A 103 9.90 -3.64 -11.23
C ASN A 103 10.19 -3.73 -9.74
N VAL A 104 11.10 -2.90 -9.24
CA VAL A 104 11.40 -2.93 -7.81
C VAL A 104 11.83 -1.58 -7.26
N ALA A 105 10.84 -0.73 -6.95
CA ALA A 105 11.09 0.59 -6.38
C ALA A 105 10.23 0.71 -5.12
N PRO A 106 10.28 1.86 -4.43
CA PRO A 106 9.46 1.97 -3.23
C PRO A 106 8.25 2.92 -3.41
N ALA A 107 7.35 2.92 -2.43
CA ALA A 107 6.18 3.81 -2.48
C ALA A 107 6.39 4.94 -1.48
N CYS A 108 6.00 6.14 -1.85
CA CYS A 108 6.20 7.27 -0.95
C CYS A 108 5.29 7.25 0.26
N LEU A 109 5.83 7.70 1.38
CA LEU A 109 5.06 7.80 2.60
C LEU A 109 4.70 9.29 2.68
N PRO A 110 3.39 9.62 2.53
CA PRO A 110 2.94 11.02 2.58
C PRO A 110 2.82 11.53 4.00
N GLU A 111 2.63 12.85 4.12
CA GLU A 111 2.46 13.49 5.41
C GLU A 111 0.99 13.28 5.79
N ARG A 112 0.73 12.96 7.05
CA ARG A 112 -0.64 12.69 7.48
C ARG A 112 -1.72 13.66 7.01
N ASP A 113 -1.63 14.91 7.44
CA ASP A 113 -2.63 15.91 7.05
C ASP A 113 -2.90 16.03 5.55
N TRP A 114 -1.87 16.34 4.77
CA TRP A 114 -2.03 16.46 3.32
C TRP A 114 -2.60 15.18 2.70
N ALA A 115 -2.27 14.03 3.30
CA ALA A 115 -2.77 12.75 2.83
C ALA A 115 -4.26 12.59 3.11
N GLU A 116 -4.68 12.93 4.33
CA GLU A 116 -6.07 12.81 4.73
C GLU A 116 -7.03 13.74 4.00
N SER A 117 -6.48 14.64 3.20
CA SER A 117 -7.33 15.58 2.50
C SER A 117 -7.12 15.60 1.00
N THR A 118 -5.95 15.16 0.55
CA THR A 118 -5.69 15.21 -0.88
C THR A 118 -5.62 13.82 -1.50
N LEU A 119 -5.08 12.87 -0.76
CA LEU A 119 -5.00 11.51 -1.27
C LEU A 119 -6.34 10.78 -1.07
N MET A 120 -6.70 10.60 0.19
CA MET A 120 -7.93 9.92 0.53
C MET A 120 -9.19 10.51 -0.07
N THR A 121 -9.18 11.80 -0.38
CA THR A 121 -10.36 12.44 -0.93
C THR A 121 -10.38 12.26 -2.44
N GLN A 122 -9.39 11.55 -2.94
CA GLN A 122 -9.26 11.28 -4.36
C GLN A 122 -10.41 10.32 -4.73
N LYS A 123 -10.78 10.31 -6.01
CA LYS A 123 -11.85 9.42 -6.47
C LYS A 123 -11.49 7.94 -6.23
N THR A 124 -10.54 7.44 -7.02
CA THR A 124 -10.09 6.06 -6.96
C THR A 124 -8.86 5.79 -6.10
N GLY A 125 -8.36 4.57 -6.21
CA GLY A 125 -7.18 4.11 -5.49
C GLY A 125 -6.66 2.82 -6.13
N ILE A 126 -5.39 2.47 -5.88
CA ILE A 126 -4.82 1.25 -6.46
C ILE A 126 -4.48 0.19 -5.44
N VAL A 127 -5.06 -0.99 -5.64
CA VAL A 127 -4.80 -2.13 -4.76
C VAL A 127 -4.25 -3.20 -5.68
N SER A 128 -3.35 -4.02 -5.17
CA SER A 128 -2.75 -5.06 -5.98
C SER A 128 -2.25 -6.23 -5.14
N GLY A 129 -1.92 -7.31 -5.83
CA GLY A 129 -1.41 -8.50 -5.17
C GLY A 129 -1.42 -9.72 -6.07
N PHE A 130 -1.10 -10.86 -5.48
CA PHE A 130 -1.06 -12.13 -6.20
C PHE A 130 -2.23 -12.99 -5.73
N GLY A 131 -3.25 -12.33 -5.16
CA GLY A 131 -4.43 -13.01 -4.65
C GLY A 131 -5.25 -13.83 -5.61
N ARG A 132 -6.39 -14.31 -5.13
CA ARG A 132 -7.29 -15.14 -5.93
C ARG A 132 -8.15 -14.39 -6.96
N THR A 133 -8.41 -15.05 -8.08
CA THR A 133 -9.19 -14.48 -9.18
C THR A 133 -10.66 -14.30 -8.82
N HIS A 134 -11.13 -15.10 -7.87
CA HIS A 134 -12.50 -15.04 -7.38
C HIS A 134 -12.53 -15.56 -5.97
N GLU A 135 -13.60 -15.27 -5.25
CA GLU A 135 -13.70 -15.67 -3.85
C GLU A 135 -13.16 -17.04 -3.50
N LYS A 136 -13.82 -18.11 -3.93
CA LYS A 136 -13.34 -19.45 -3.61
C LYS A 136 -12.63 -20.09 -4.79
N GLY A 137 -11.66 -19.35 -5.34
CA GLY A 137 -10.89 -19.82 -6.47
C GLY A 137 -9.43 -20.01 -6.12
N ARG A 138 -8.59 -20.00 -7.16
CA ARG A 138 -7.14 -20.20 -7.06
C ARG A 138 -6.34 -18.91 -6.87
N GLN A 139 -5.10 -19.06 -6.39
CA GLN A 139 -4.22 -17.91 -6.20
C GLN A 139 -3.77 -17.49 -7.60
N SER A 140 -3.21 -16.30 -7.74
CA SER A 140 -2.79 -15.85 -9.06
C SER A 140 -1.33 -16.07 -9.28
N THR A 141 -0.95 -16.19 -10.55
CA THR A 141 0.44 -16.38 -10.91
C THR A 141 0.96 -14.98 -11.22
N ARG A 142 0.32 -14.33 -12.19
CA ARG A 142 0.68 -12.98 -12.58
C ARG A 142 0.15 -11.99 -11.54
N LEU A 143 0.89 -10.89 -11.33
CA LEU A 143 0.50 -9.86 -10.37
C LEU A 143 -0.56 -8.96 -10.96
N LYS A 144 -1.64 -8.77 -10.21
CA LYS A 144 -2.74 -7.93 -10.68
C LYS A 144 -2.85 -6.63 -9.87
N MET A 145 -3.58 -5.67 -10.44
CA MET A 145 -3.83 -4.38 -9.79
C MET A 145 -5.28 -3.94 -10.05
N LEU A 146 -5.94 -3.46 -9.01
CA LEU A 146 -7.30 -3.02 -9.21
C LEU A 146 -7.53 -1.61 -8.72
N GLU A 147 -8.20 -0.81 -9.53
CA GLU A 147 -8.56 0.55 -9.17
C GLU A 147 -9.86 0.45 -8.35
N VAL A 148 -9.75 0.65 -7.05
CA VAL A 148 -10.90 0.60 -6.14
C VAL A 148 -11.30 1.99 -5.64
N PRO A 149 -12.55 2.41 -5.92
CA PRO A 149 -13.05 3.73 -5.48
C PRO A 149 -13.11 3.88 -3.97
N TYR A 150 -12.87 5.10 -3.49
CA TYR A 150 -12.93 5.39 -2.06
C TYR A 150 -14.39 5.31 -1.71
N VAL A 151 -14.72 4.53 -0.69
CA VAL A 151 -16.12 4.36 -0.30
C VAL A 151 -16.53 5.14 0.93
N ASP A 152 -17.61 5.90 0.75
CA ASP A 152 -18.20 6.72 1.80
C ASP A 152 -18.03 6.13 3.20
N ARG A 153 -17.25 6.80 4.04
CA ARG A 153 -16.97 6.35 5.40
C ARG A 153 -18.21 5.90 6.18
N ASN A 154 -19.33 6.57 5.92
CA ASN A 154 -20.58 6.25 6.60
C ASN A 154 -21.23 4.96 6.07
N SER A 155 -21.55 4.94 4.78
CA SER A 155 -22.17 3.77 4.17
C SER A 155 -21.23 2.56 4.20
N CYS A 156 -20.09 2.72 4.87
CA CYS A 156 -19.09 1.68 5.06
C CYS A 156 -19.55 0.84 6.24
N LYS A 157 -19.98 1.55 7.29
CA LYS A 157 -20.42 0.92 8.53
C LYS A 157 -21.74 0.15 8.37
N LEU A 158 -22.61 0.62 7.48
CA LEU A 158 -23.88 -0.05 7.24
C LEU A 158 -23.55 -1.38 6.60
N SER A 159 -23.16 -1.31 5.33
CA SER A 159 -22.79 -2.49 4.56
C SER A 159 -22.10 -3.56 5.37
N SER A 160 -21.23 -3.16 6.27
CA SER A 160 -20.47 -4.10 7.11
C SER A 160 -21.21 -4.78 8.25
N SER A 161 -20.75 -5.99 8.57
CA SER A 161 -21.33 -6.80 9.63
C SER A 161 -20.48 -6.64 10.88
N PHE A 162 -19.43 -5.83 10.79
CA PHE A 162 -18.56 -5.64 11.93
C PHE A 162 -18.23 -4.17 12.13
N ILE A 163 -17.68 -3.84 13.30
CA ILE A 163 -17.31 -2.46 13.60
C ILE A 163 -16.22 -1.98 12.64
N ILE A 164 -16.36 -0.75 12.16
CA ILE A 164 -15.37 -0.16 11.26
C ILE A 164 -14.74 1.06 11.92
N THR A 165 -13.65 0.83 12.66
CA THR A 165 -12.92 1.89 13.36
C THR A 165 -12.25 2.91 12.42
N GLN A 166 -11.98 4.12 12.93
CA GLN A 166 -11.35 5.13 12.10
C GLN A 166 -9.87 4.85 11.89
N ASN A 167 -9.49 3.63 12.25
CA ASN A 167 -8.13 3.14 12.10
C ASN A 167 -8.10 2.31 10.82
N MET A 168 -9.23 2.31 10.11
CA MET A 168 -9.40 1.56 8.87
C MET A 168 -10.42 2.26 7.96
N PHE A 169 -10.57 1.78 6.73
CA PHE A 169 -11.53 2.39 5.80
C PHE A 169 -11.97 1.51 4.64
N CYS A 170 -13.12 1.84 4.07
CA CYS A 170 -13.68 1.09 2.94
C CYS A 170 -13.12 1.52 1.60
N ALA A 171 -13.36 0.71 0.58
CA ALA A 171 -12.93 1.00 -0.78
C ALA A 171 -13.18 -0.21 -1.66
N GLY A 172 -13.85 0.02 -2.79
CA GLY A 172 -14.17 -1.05 -3.71
C GLY A 172 -15.48 -0.75 -4.42
N TYR A 173 -16.31 -1.77 -4.60
CA TYR A 173 -17.59 -1.59 -5.29
C TYR A 173 -18.74 -2.23 -4.55
N ASP A 174 -19.94 -1.88 -4.97
CA ASP A 174 -21.14 -2.42 -4.39
C ASP A 174 -21.44 -3.73 -5.13
N THR A 175 -21.84 -3.59 -6.38
CA THR A 175 -22.20 -4.76 -7.19
C THR A 175 -21.09 -5.29 -8.08
N LYS A 176 -20.41 -4.39 -8.78
CA LYS A 176 -19.33 -4.77 -9.68
C LYS A 176 -18.48 -5.84 -9.01
N GLN A 177 -17.88 -6.72 -9.81
CA GLN A 177 -17.06 -7.80 -9.26
C GLN A 177 -15.55 -7.51 -9.31
N GLU A 178 -15.13 -6.57 -8.45
CA GLU A 178 -13.74 -6.16 -8.31
C GLU A 178 -13.43 -5.93 -6.83
N ASP A 179 -12.42 -6.61 -6.33
CA ASP A 179 -12.06 -6.49 -4.93
C ASP A 179 -10.74 -7.22 -4.71
N ALA A 180 -10.30 -7.29 -3.46
CA ALA A 180 -9.07 -7.97 -3.12
C ALA A 180 -9.53 -9.37 -2.72
N CYS A 181 -8.69 -10.10 -2.00
CA CYS A 181 -9.08 -11.45 -1.59
C CYS A 181 -7.93 -12.12 -0.84
N GLN A 182 -8.08 -13.41 -0.52
CA GLN A 182 -7.03 -14.12 0.21
C GLN A 182 -5.73 -14.02 -0.58
N GLY A 183 -4.65 -13.64 0.11
CA GLY A 183 -3.36 -13.51 -0.57
C GLY A 183 -2.96 -12.07 -0.83
N ASP A 184 -3.95 -11.24 -1.17
CA ASP A 184 -3.75 -9.81 -1.42
C ASP A 184 -3.51 -9.14 -0.07
N SER A 185 -4.01 -9.79 0.96
CA SER A 185 -3.91 -9.32 2.33
C SER A 185 -2.48 -8.96 2.74
N GLY A 186 -2.33 -7.79 3.37
CA GLY A 186 -1.04 -7.30 3.81
C GLY A 186 -0.39 -6.47 2.71
N GLY A 187 -0.92 -6.62 1.50
CA GLY A 187 -0.40 -5.92 0.35
C GLY A 187 -0.57 -4.41 0.36
N PRO A 188 -0.48 -3.76 -0.82
CA PRO A 188 -0.64 -2.31 -0.87
C PRO A 188 -1.94 -1.74 -1.45
N HIS A 189 -2.25 -0.52 -1.02
CA HIS A 189 -3.39 0.25 -1.51
C HIS A 189 -2.70 1.60 -1.67
N VAL A 190 -2.53 2.05 -2.90
CA VAL A 190 -1.86 3.32 -3.09
C VAL A 190 -2.66 4.31 -3.94
N THR A 191 -2.60 5.58 -3.57
CA THR A 191 -3.31 6.59 -4.31
C THR A 191 -2.34 7.21 -5.29
N ARG A 192 -2.82 7.53 -6.48
CA ARG A 192 -1.97 8.15 -7.47
C ARG A 192 -2.24 9.64 -7.50
N PHE A 193 -1.30 10.44 -6.98
CA PHE A 193 -1.45 11.89 -7.01
C PHE A 193 -0.36 12.51 -7.85
N LYS A 194 -0.80 13.21 -8.91
CA LYS A 194 0.09 13.88 -9.83
C LYS A 194 1.30 13.00 -10.16
N ASP A 195 1.04 11.96 -10.95
CA ASP A 195 2.06 11.01 -11.42
C ASP A 195 3.06 10.39 -10.42
N THR A 196 2.65 10.19 -9.17
CA THR A 196 3.49 9.57 -8.15
C THR A 196 2.56 8.84 -7.19
N TYR A 197 3.04 7.77 -6.57
CA TYR A 197 2.16 7.03 -5.69
C TYR A 197 2.57 7.02 -4.23
N PHE A 198 1.56 7.10 -3.35
CA PHE A 198 1.79 7.09 -1.92
C PHE A 198 1.12 5.90 -1.22
N VAL A 199 1.67 5.54 -0.06
CA VAL A 199 1.16 4.44 0.74
C VAL A 199 -0.08 4.84 1.53
N THR A 200 -1.22 4.97 0.86
CA THR A 200 -2.44 5.34 1.57
C THR A 200 -3.06 4.25 2.47
N GLY A 201 -2.91 2.97 2.10
CA GLY A 201 -3.49 1.92 2.93
C GLY A 201 -3.02 0.49 2.74
N ILE A 202 -3.34 -0.35 3.74
CA ILE A 202 -2.99 -1.78 3.73
C ILE A 202 -4.22 -2.68 3.52
N VAL A 203 -4.09 -3.71 2.67
CA VAL A 203 -5.17 -4.69 2.43
C VAL A 203 -5.43 -5.41 3.74
N SER A 204 -6.63 -5.26 4.28
CA SER A 204 -6.96 -5.88 5.57
C SER A 204 -7.91 -7.07 5.53
N TRP A 205 -9.18 -6.81 5.25
CA TRP A 205 -10.19 -7.88 5.23
C TRP A 205 -11.46 -7.50 4.49
N GLY A 206 -12.42 -8.41 4.48
CA GLY A 206 -13.69 -8.16 3.82
C GLY A 206 -14.59 -9.38 3.81
N GLU A 207 -15.90 -9.15 3.85
CA GLU A 207 -16.91 -10.21 3.82
C GLU A 207 -16.93 -10.82 2.41
N GLY A 208 -16.15 -11.88 2.24
CA GLY A 208 -16.04 -12.54 0.96
C GLY A 208 -15.17 -11.72 0.04
N CYS A 209 -15.27 -11.97 -1.26
CA CYS A 209 -14.51 -11.24 -2.26
C CYS A 209 -15.46 -10.77 -3.35
N ALA A 210 -15.60 -9.46 -3.46
CA ALA A 210 -16.47 -8.83 -4.45
C ALA A 210 -17.94 -9.11 -4.23
N ARG A 211 -18.31 -9.41 -2.98
CA ARG A 211 -19.69 -9.70 -2.61
C ARG A 211 -20.56 -8.45 -2.65
N LYS A 212 -21.73 -8.54 -3.29
CA LYS A 212 -22.63 -7.40 -3.41
C LYS A 212 -23.08 -6.87 -2.05
N GLY A 213 -22.86 -5.58 -1.81
CA GLY A 213 -23.25 -5.00 -0.55
C GLY A 213 -22.14 -5.05 0.49
N LYS A 214 -20.92 -5.30 0.02
CA LYS A 214 -19.77 -5.35 0.89
C LYS A 214 -18.57 -4.63 0.25
N TYR A 215 -17.75 -3.98 1.07
CA TYR A 215 -16.59 -3.26 0.56
C TYR A 215 -15.33 -3.85 1.13
N GLY A 216 -14.21 -3.59 0.45
CA GLY A 216 -12.92 -4.09 0.92
C GLY A 216 -12.41 -3.21 2.03
N ILE A 217 -12.07 -3.83 3.16
CA ILE A 217 -11.59 -3.11 4.34
C ILE A 217 -10.07 -2.99 4.47
N TYR A 218 -9.55 -1.78 4.35
CA TYR A 218 -8.11 -1.53 4.45
C TYR A 218 -7.73 -0.80 5.74
N THR A 219 -6.44 -0.88 6.07
CA THR A 219 -5.91 -0.20 7.25
C THR A 219 -5.57 1.21 6.81
N LYS A 220 -5.82 2.17 7.69
CA LYS A 220 -5.57 3.60 7.40
C LYS A 220 -4.10 3.95 7.68
N VAL A 221 -3.30 4.08 6.64
CA VAL A 221 -1.88 4.38 6.84
C VAL A 221 -1.65 5.67 7.64
N THR A 222 -2.29 6.76 7.21
CA THR A 222 -2.17 8.03 7.91
C THR A 222 -2.39 7.79 9.39
N ALA A 223 -3.43 7.02 9.71
CA ALA A 223 -3.76 6.70 11.09
C ALA A 223 -2.61 6.02 11.81
N PHE A 224 -1.57 5.66 11.07
CA PHE A 224 -0.44 5.00 11.68
C PHE A 224 0.89 5.58 11.24
N LEU A 225 0.80 6.58 10.37
CA LEU A 225 1.98 7.27 9.85
C LEU A 225 3.09 7.45 10.88
N LYS A 226 2.81 8.22 11.93
CA LYS A 226 3.84 8.43 12.92
C LYS A 226 4.28 7.13 13.58
N TRP A 227 3.43 6.12 13.55
CA TRP A 227 3.79 4.83 14.15
C TRP A 227 4.80 4.17 13.23
N ILE A 228 4.53 4.29 11.94
CA ILE A 228 5.38 3.70 10.92
C ILE A 228 6.82 4.19 11.05
N ASP A 229 6.99 5.48 11.25
CA ASP A 229 8.33 6.04 11.38
C ASP A 229 9.10 5.43 12.55
N ARG A 230 8.49 5.49 13.73
CA ARG A 230 9.14 4.96 14.93
C ARG A 230 9.62 3.54 14.71
N SER A 231 8.92 2.80 13.86
CA SER A 231 9.33 1.43 13.59
C SER A 231 10.62 1.42 12.76
N MET A 232 10.62 2.14 11.66
CA MET A 232 11.80 2.21 10.79
C MET A 232 12.96 2.79 11.61
N LYS A 233 12.73 3.91 12.28
CA LYS A 233 13.77 4.50 13.11
C LYS A 233 13.93 3.60 14.34
N THR A 234 13.16 2.50 14.36
CA THR A 234 13.18 1.51 15.43
C THR A 234 12.77 1.94 16.84
N ARG A 235 11.72 1.30 17.35
CA ARG A 235 11.16 1.54 18.69
C ARG A 235 9.68 1.17 18.70
N LYS B 44 -1.77 31.63 -0.08
CA LYS B 44 -2.40 30.45 0.59
C LYS B 44 -3.54 29.85 -0.21
N LEU B 45 -3.84 28.59 0.10
CA LEU B 45 -4.90 27.79 -0.52
C LEU B 45 -4.34 26.52 -1.14
N CYS B 46 -3.90 25.62 -0.27
CA CYS B 46 -3.38 24.32 -0.65
C CYS B 46 -4.54 23.51 -1.23
N SER B 47 -5.74 24.08 -1.16
CA SER B 47 -6.93 23.42 -1.68
C SER B 47 -7.42 24.07 -2.96
N LEU B 48 -6.64 25.00 -3.50
CA LEU B 48 -7.02 25.65 -4.75
C LEU B 48 -6.61 24.68 -5.85
N ASP B 49 -5.42 24.13 -5.70
CA ASP B 49 -4.88 23.16 -6.64
C ASP B 49 -3.61 22.62 -5.98
N ASN B 50 -3.72 22.36 -4.69
CA ASN B 50 -2.63 21.83 -3.88
C ASN B 50 -1.56 22.89 -3.70
N GLY B 51 -1.93 24.14 -3.93
CA GLY B 51 -0.98 25.23 -3.79
C GLY B 51 -0.02 25.16 -4.94
N ASP B 52 -0.49 24.63 -6.07
CA ASP B 52 0.30 24.47 -7.28
C ASP B 52 1.56 23.66 -7.00
N CYS B 53 1.56 22.92 -5.90
CA CYS B 53 2.70 22.09 -5.52
C CYS B 53 2.84 20.84 -6.40
N ASP B 54 3.72 19.94 -5.99
CA ASP B 54 3.92 18.68 -6.72
C ASP B 54 3.41 17.56 -5.82
N GLN B 55 3.68 17.71 -4.53
CA GLN B 55 3.29 16.75 -3.53
C GLN B 55 2.72 17.47 -2.30
N PHE B 56 3.17 17.09 -1.10
CA PHE B 56 2.66 17.72 0.11
C PHE B 56 2.51 19.21 -0.05
N CYS B 57 1.51 19.78 0.61
CA CYS B 57 1.28 21.22 0.56
C CYS B 57 0.89 21.70 1.97
N HIS B 58 1.48 22.81 2.37
CA HIS B 58 1.22 23.36 3.68
C HIS B 58 0.92 24.84 3.59
N GLU B 59 0.36 25.37 4.67
CA GLU B 59 0.05 26.77 4.74
C GLU B 59 0.89 27.37 5.87
N GLU B 60 1.84 28.22 5.47
CA GLU B 60 2.72 28.91 6.39
C GLU B 60 1.99 30.19 6.73
N GLN B 61 0.88 30.05 7.47
CA GLN B 61 0.08 31.20 7.83
C GLN B 61 -0.20 31.96 6.55
N ASN B 62 0.56 33.03 6.38
CA ASN B 62 0.49 33.90 5.23
C ASN B 62 0.20 33.16 3.91
N SER B 63 1.21 32.52 3.34
CA SER B 63 1.01 31.82 2.08
C SER B 63 1.24 30.30 2.14
N VAL B 64 1.27 29.70 0.96
CA VAL B 64 1.46 28.26 0.77
C VAL B 64 2.93 27.79 0.75
N VAL B 65 3.18 26.65 1.38
CA VAL B 65 4.52 26.06 1.44
C VAL B 65 4.55 24.63 0.88
N CYS B 66 5.31 24.42 -0.19
CA CYS B 66 5.40 23.09 -0.77
C CYS B 66 6.61 22.34 -0.24
N SER B 67 6.60 21.03 -0.41
CA SER B 67 7.69 20.16 0.02
C SER B 67 7.53 18.78 -0.63
N CYS B 68 8.52 17.91 -0.43
CA CYS B 68 8.46 16.58 -1.02
C CYS B 68 8.90 15.48 -0.09
N ALA B 69 8.58 14.25 -0.50
CA ALA B 69 8.88 13.04 0.24
C ALA B 69 10.33 12.60 0.16
N ARG B 70 10.71 11.74 1.11
CA ARG B 70 12.06 11.21 1.20
C ARG B 70 12.60 10.88 -0.18
N GLY B 71 13.74 11.48 -0.52
CA GLY B 71 14.36 11.22 -1.81
C GLY B 71 14.06 12.24 -2.88
N TYR B 72 13.38 13.30 -2.49
CA TYR B 72 13.04 14.39 -3.40
C TYR B 72 13.55 15.71 -2.85
N THR B 73 14.02 16.59 -3.75
CA THR B 73 14.49 17.90 -3.33
C THR B 73 13.52 18.86 -3.99
N LEU B 74 13.14 19.92 -3.28
CA LEU B 74 12.21 20.87 -3.82
C LEU B 74 12.85 21.67 -4.92
N ALA B 75 12.24 21.68 -6.10
CA ALA B 75 12.77 22.42 -7.24
C ALA B 75 13.03 23.88 -6.89
N ASP B 76 13.62 24.60 -7.84
CA ASP B 76 13.96 26.00 -7.65
C ASP B 76 12.77 26.94 -7.51
N ASN B 77 11.68 26.64 -8.20
CA ASN B 77 10.49 27.48 -8.11
C ASN B 77 9.73 27.23 -6.81
N GLY B 78 10.27 26.32 -6.00
CA GLY B 78 9.65 25.98 -4.72
C GLY B 78 8.36 25.21 -4.83
N LYS B 79 8.12 24.59 -5.99
CA LYS B 79 6.89 23.85 -6.19
C LYS B 79 7.13 22.40 -6.63
N ALA B 80 7.35 22.22 -7.93
CA ALA B 80 7.63 20.90 -8.48
C ALA B 80 8.70 20.16 -7.64
N CYS B 81 8.70 18.83 -7.71
CA CYS B 81 9.68 18.06 -6.95
C CYS B 81 10.67 17.34 -7.86
N ILE B 82 11.92 17.30 -7.41
CA ILE B 82 13.01 16.70 -8.14
C ILE B 82 13.61 15.54 -7.35
N PRO B 83 13.76 14.38 -8.00
CA PRO B 83 14.31 13.16 -7.40
C PRO B 83 15.83 13.13 -7.42
N THR B 84 16.44 12.86 -6.26
CA THR B 84 17.88 12.83 -6.13
C THR B 84 18.50 11.54 -6.67
N GLY B 85 17.75 10.45 -6.64
CA GLY B 85 18.27 9.18 -7.13
C GLY B 85 17.55 8.63 -8.34
N PRO B 86 17.97 7.46 -8.86
CA PRO B 86 17.36 6.82 -10.03
C PRO B 86 16.11 6.00 -9.70
N TYR B 87 15.97 5.64 -8.43
CA TYR B 87 14.80 4.89 -7.99
C TYR B 87 14.05 5.56 -6.83
N PRO B 88 13.35 6.66 -7.14
CA PRO B 88 12.56 7.45 -6.18
C PRO B 88 11.20 6.82 -5.81
N CYS B 89 10.78 6.99 -4.57
CA CYS B 89 9.50 6.44 -4.14
C CYS B 89 8.37 7.07 -4.91
N GLY B 90 7.32 6.30 -5.15
CA GLY B 90 6.17 6.82 -5.85
C GLY B 90 6.23 6.84 -7.35
N LYS B 91 7.36 6.44 -7.92
CA LYS B 91 7.44 6.46 -9.38
C LYS B 91 7.42 5.07 -10.00
N GLN B 92 6.59 4.87 -11.02
CA GLN B 92 6.56 3.59 -11.69
C GLN B 92 7.93 3.52 -12.39
N THR B 93 8.57 2.37 -12.35
CA THR B 93 9.89 2.24 -12.97
C THR B 93 9.82 1.79 -14.42
N LEU B 94 10.26 2.68 -15.32
CA LEU B 94 10.25 2.37 -16.76
C LEU B 94 11.63 2.12 -17.36
CA CA C . 9.20 -15.98 -10.06
C1 XMB D . -10.44 -12.15 5.86
O2 XMB D . -11.08 -11.13 5.59
N3 XMB D . -9.41 -12.08 6.76
C4 XMB D . -8.18 -11.25 6.46
C5 XMB D . -7.07 -12.13 5.86
S6 XMB D . -6.64 -13.46 7.03
O7 XMB D . -6.18 -12.94 8.44
O8 XMB D . -5.51 -14.40 6.43
C9 XMB D . -9.19 -13.19 7.75
C10 XMB D . -8.24 -14.25 7.17
C11 XMB D . -11.09 -10.58 0.93
C12 XMB D . -10.54 -11.52 1.81
C13 XMB D . -9.68 -8.86 1.97
C14 XMB D . -9.14 -9.82 2.84
C15 XMB D . -9.57 -11.15 2.76
C16 XMB D . -10.68 -9.26 0.99
C17 XMB D . -11.22 -8.31 0.13
C18 XMB D . -9.27 -7.53 2.03
C19 XMB D . -10.80 -6.99 0.20
C20 XMB D . -9.84 -6.61 1.13
CL21 XMB D . -9.34 -4.94 1.20
S22 XMB D . -11.07 -13.19 1.70
O23 XMB D . -12.58 -13.29 1.23
N24 XMB D . -10.86 -13.88 3.23
C25 XMB D . -11.24 -13.46 5.65
C26 XMB D . -11.85 -13.61 4.26
N27 XMB D . -12.24 -13.69 6.74
O28 XMB D . -10.17 -14.02 0.69
C29 XMB D . -13.53 -12.96 6.75
C30 XMB D . -13.45 -7.47 12.86
N31 XMB D . -13.48 -10.51 10.58
C32 XMB D . -13.67 -9.62 11.76
C33 XMB D . -13.24 -8.27 11.74
C34 XMB D . -13.93 -11.96 10.56
C35 XMB D . -14.28 -10.08 12.95
C36 XMB D . -12.83 -10.03 9.31
C37 XMB D . -13.73 -12.06 8.00
C38 XMB D . -13.72 -12.84 9.31
N39 XMB D . -14.02 -7.94 13.95
C40 XMB D . -14.44 -9.20 14.03
C41 XMB D . -12.66 -10.97 8.09
#